data_5E1M
#
_entry.id   5E1M
#
_cell.length_a   107.406
_cell.length_b   107.406
_cell.length_c   205.604
_cell.angle_alpha   90.000
_cell.angle_beta   90.000
_cell.angle_gamma   120.000
#
_symmetry.space_group_name_H-M   'P 65 2 2'
#
loop_
_entity.id
_entity.type
_entity.pdbx_description
1 polymer 'N-terminal Xaa-Pro-Lys N-methyltransferase 1'
2 polymer RCC1
3 non-polymer S-ADENOSYL-L-HOMOCYSTEINE
4 non-polymer GLYCEROL
5 non-polymer 'UNKNOWN ATOM OR ION'
6 water water
#
loop_
_entity_poly.entity_id
_entity_poly.type
_entity_poly.pdbx_seq_one_letter_code
_entity_poly.pdbx_strand_id
1 'polypeptide(L)'
;MGSSHHHHHHSSGLVPRGSTSEVIEDEKQFYSKAKTYWKQIPPTVDGMLGGYGHISSIDINSSRKFLQRFLREGPNKTGT
SCALDCGAGIGRITKRLLLPLFREVDMVDITEDFLVQAKTYLGEEGKRVRNYFCCGLQDFTPEPDSYDVIWIQWVIGHLT
DQHLAEFLRRCKGSLRPNGIIVIKDNMAQEGVILDDVDSSVCRDLDVVRRIICSAGLSLLAEERQENLPDEIYHVYSFAL
R
;
A,B
2 'polypeptide(L)' PPKRIA D,E
#
# COMPACT_ATOMS: atom_id res chain seq x y z
N VAL A 15 -23.48 25.31 18.11
CA VAL A 15 -22.37 26.12 17.56
C VAL A 15 -21.06 25.26 17.46
N PRO A 16 -20.50 25.09 16.25
CA PRO A 16 -19.20 24.43 16.10
C PRO A 16 -18.09 25.24 16.73
N ARG A 17 -17.07 24.53 17.22
CA ARG A 17 -15.90 25.19 17.73
C ARG A 17 -15.05 25.68 16.56
N GLY A 18 -14.42 26.85 16.68
CA GLY A 18 -13.57 27.35 15.58
C GLY A 18 -12.13 27.47 15.90
N SER A 19 -11.74 27.18 17.13
CA SER A 19 -10.34 27.19 17.45
C SER A 19 -9.94 26.18 18.53
N THR A 20 -8.65 25.85 18.52
CA THR A 20 -8.14 24.91 19.53
C THR A 20 -8.33 25.44 20.93
N SER A 21 -8.33 26.78 21.13
CA SER A 21 -8.59 27.31 22.46
C SER A 21 -9.98 27.00 23.04
N GLU A 22 -10.92 26.55 22.21
CA GLU A 22 -12.22 26.07 22.69
C GLU A 22 -12.20 24.60 23.08
N VAL A 23 -11.19 23.86 22.67
CA VAL A 23 -11.23 22.40 22.87
C VAL A 23 -10.09 21.83 23.70
N ILE A 24 -9.00 22.60 23.88
CA ILE A 24 -7.87 22.09 24.65
C ILE A 24 -7.89 22.58 26.07
N GLU A 25 -8.06 21.69 27.04
CA GLU A 25 -8.19 22.10 28.42
C GLU A 25 -6.86 22.63 28.98
N ASP A 26 -5.77 21.98 28.57
CA ASP A 26 -4.46 22.22 29.21
C ASP A 26 -3.42 21.96 28.16
N GLU A 27 -2.79 23.02 27.69
CA GLU A 27 -1.89 22.89 26.55
C GLU A 27 -0.70 21.95 26.87
N LYS A 28 -0.14 22.07 28.07
CA LYS A 28 1.03 21.18 28.39
C LYS A 28 0.62 19.73 28.35
N GLN A 29 -0.55 19.43 28.82
CA GLN A 29 -1.06 18.03 28.78
C GLN A 29 -1.43 17.57 27.36
N PHE A 30 -1.92 18.49 26.54
CA PHE A 30 -2.20 18.21 25.13
C PHE A 30 -0.93 17.71 24.42
N TYR A 31 0.19 18.40 24.65
CA TYR A 31 1.44 17.94 24.08
C TYR A 31 1.99 16.69 24.79
N SER A 32 1.96 16.68 26.10
CA SER A 32 2.58 15.51 26.83
C SER A 32 1.82 14.20 26.57
N LYS A 33 0.51 14.28 26.47
CA LYS A 33 -0.26 13.08 26.17
CA LYS A 33 -0.29 13.09 26.18
C LYS A 33 0.03 12.57 24.76
N ALA A 34 0.17 13.46 23.79
CA ALA A 34 0.50 13.05 22.43
C ALA A 34 1.85 12.37 22.39
N LYS A 35 2.82 12.94 23.13
CA LYS A 35 4.19 12.37 23.16
C LYS A 35 4.16 10.94 23.73
N THR A 36 3.43 10.77 24.84
CA THR A 36 3.29 9.43 25.44
C THR A 36 2.58 8.44 24.46
N TYR A 37 1.54 8.93 23.80
CA TYR A 37 0.80 8.09 22.82
C TYR A 37 1.76 7.57 21.76
N TRP A 38 2.52 8.44 21.12
CA TRP A 38 3.40 8.01 20.00
C TRP A 38 4.54 7.13 20.51
N LYS A 39 5.00 7.37 21.73
CA LYS A 39 6.08 6.53 22.29
C LYS A 39 5.65 5.08 22.42
N GLN A 40 4.35 4.78 22.46
CA GLN A 40 3.90 3.38 22.60
C GLN A 40 3.24 2.81 21.34
N ILE A 41 3.48 3.47 20.19
CA ILE A 41 3.05 2.97 18.90
C ILE A 41 4.23 2.23 18.26
N PRO A 42 3.97 1.06 17.62
CA PRO A 42 5.10 0.41 16.97
C PRO A 42 5.66 1.16 15.79
N PRO A 43 6.99 1.08 15.61
CA PRO A 43 7.68 1.85 14.57
C PRO A 43 7.53 1.23 13.18
N THR A 44 6.28 1.16 12.75
CA THR A 44 5.91 0.49 11.51
C THR A 44 5.02 1.35 10.67
N VAL A 45 4.90 1.02 9.39
CA VAL A 45 3.92 1.73 8.55
C VAL A 45 2.47 1.69 9.11
N ASP A 46 2.06 0.51 9.60
CA ASP A 46 0.72 0.43 10.17
C ASP A 46 0.63 1.32 11.43
N GLY A 47 1.71 1.45 12.19
CA GLY A 47 1.71 2.40 13.30
C GLY A 47 1.57 3.86 12.88
N MET A 48 2.32 4.25 11.84
CA MET A 48 2.26 5.59 11.30
C MET A 48 0.84 5.91 10.82
N LEU A 49 0.16 4.89 10.26
CA LEU A 49 -1.11 5.12 9.62
C LEU A 49 -2.28 4.61 10.47
N GLY A 50 -2.07 4.42 11.76
CA GLY A 50 -3.22 4.16 12.63
C GLY A 50 -4.04 2.92 12.28
N GLY A 51 -3.36 1.86 11.85
CA GLY A 51 -4.05 0.67 11.39
C GLY A 51 -4.49 0.65 9.92
N TYR A 52 -4.17 1.70 9.21
CA TYR A 52 -4.49 1.86 7.79
C TYR A 52 -3.24 1.77 6.94
N GLY A 53 -2.27 0.96 7.36
CA GLY A 53 -1.03 0.82 6.56
C GLY A 53 -1.29 0.47 5.10
N HIS A 54 -2.33 -0.34 4.90
CA HIS A 54 -2.75 -0.72 3.56
C HIS A 54 -3.07 0.42 2.58
N ILE A 55 -3.45 1.60 3.03
CA ILE A 55 -3.70 2.71 2.11
C ILE A 55 -2.45 3.47 1.70
N SER A 56 -1.27 3.02 2.12
CA SER A 56 -0.08 3.82 1.93
C SER A 56 0.21 4.09 0.45
N SER A 57 0.04 3.08 -0.41
CA SER A 57 0.39 3.25 -1.83
C SER A 57 -0.57 4.22 -2.54
N ILE A 58 -1.87 4.12 -2.22
CA ILE A 58 -2.86 5.11 -2.73
C ILE A 58 -2.41 6.52 -2.35
N ASP A 59 -2.03 6.70 -1.07
CA ASP A 59 -1.59 7.98 -0.57
C ASP A 59 -0.37 8.48 -1.31
N ILE A 60 0.67 7.64 -1.41
CA ILE A 60 1.93 8.05 -2.03
C ILE A 60 1.72 8.38 -3.52
N ASN A 61 0.94 7.57 -4.23
CA ASN A 61 0.69 7.84 -5.66
C ASN A 61 0.05 9.22 -5.83
N SER A 62 -0.94 9.49 -5.02
CA SER A 62 -1.63 10.79 -5.11
C SER A 62 -0.73 11.96 -4.73
N SER A 63 0.08 11.79 -3.69
CA SER A 63 1.01 12.85 -3.32
C SER A 63 2.02 13.10 -4.41
N ARG A 64 2.47 12.03 -5.07
CA ARG A 64 3.44 12.22 -6.13
C ARG A 64 2.87 13.05 -7.29
N LYS A 65 1.67 12.71 -7.72
CA LYS A 65 1.05 13.45 -8.80
C LYS A 65 0.84 14.91 -8.40
N PHE A 66 0.38 15.11 -7.18
CA PHE A 66 0.17 16.44 -6.65
C PHE A 66 1.46 17.28 -6.71
N LEU A 67 2.54 16.71 -6.19
CA LEU A 67 3.83 17.38 -6.18
C LEU A 67 4.39 17.64 -7.55
N GLN A 68 4.21 16.70 -8.46
CA GLN A 68 4.79 16.86 -9.81
C GLN A 68 4.28 18.06 -10.62
N ARG A 69 3.10 18.52 -10.26
CA ARG A 69 2.48 19.77 -10.76
CA ARG A 69 2.55 19.75 -10.83
C ARG A 69 3.53 20.94 -10.65
N PHE A 70 4.24 20.96 -9.54
CA PHE A 70 5.14 22.06 -9.18
C PHE A 70 6.53 21.92 -9.68
N LEU A 71 6.83 20.74 -10.25
CA LEU A 71 8.16 20.41 -10.78
C LEU A 71 8.37 20.62 -12.23
N ARG A 72 7.33 21.07 -12.98
CA ARG A 72 7.41 21.37 -14.37
C ARG A 72 8.42 22.49 -14.64
N GLU A 73 9.04 22.47 -15.82
CA GLU A 73 9.96 23.55 -16.17
C GLU A 73 9.14 24.83 -16.31
N GLY A 74 9.76 25.94 -16.01
CA GLY A 74 9.15 27.26 -16.21
C GLY A 74 9.62 28.15 -15.07
N PRO A 75 9.10 29.40 -15.02
CA PRO A 75 9.63 30.42 -14.12
CA PRO A 75 9.58 30.45 -14.14
C PRO A 75 9.46 30.10 -12.71
N ASN A 76 8.46 29.31 -12.34
CA ASN A 76 8.22 29.03 -10.97
C ASN A 76 8.57 27.63 -10.49
N LYS A 77 9.34 26.93 -11.31
CA LYS A 77 9.63 25.52 -11.03
C LYS A 77 10.23 25.37 -9.66
N THR A 78 9.66 24.51 -8.85
CA THR A 78 10.19 24.15 -7.53
C THR A 78 11.47 23.28 -7.74
N GLY A 79 12.49 23.57 -6.96
CA GLY A 79 13.75 22.82 -7.03
C GLY A 79 13.66 21.41 -6.45
N THR A 80 14.78 20.69 -6.63
CA THR A 80 14.83 19.30 -6.21
C THR A 80 16.10 19.01 -5.40
N SER A 81 16.66 20.03 -4.79
CA SER A 81 17.89 19.87 -4.01
CA SER A 81 17.88 19.89 -3.97
C SER A 81 17.59 19.32 -2.58
N CYS A 82 16.55 19.80 -1.92
CA CYS A 82 16.34 19.40 -0.51
C CYS A 82 14.87 19.55 -0.08
N ALA A 83 14.36 18.52 0.57
CA ALA A 83 13.07 18.58 1.17
C ALA A 83 13.16 18.36 2.68
N LEU A 84 12.12 18.79 3.38
CA LEU A 84 11.98 18.62 4.81
C LEU A 84 10.68 17.82 5.03
N ASP A 85 10.79 16.65 5.68
CA ASP A 85 9.63 15.83 6.06
C ASP A 85 9.30 16.08 7.50
N CYS A 86 8.14 16.72 7.73
CA CYS A 86 7.72 17.14 9.09
C CYS A 86 6.75 16.15 9.74
N GLY A 87 7.02 15.78 10.99
CA GLY A 87 6.31 14.67 11.59
C GLY A 87 6.55 13.40 10.80
N ALA A 88 7.79 13.20 10.42
CA ALA A 88 8.17 12.15 9.42
C ALA A 88 8.00 10.73 9.91
N GLY A 89 7.96 10.54 11.22
CA GLY A 89 7.94 9.19 11.75
C GLY A 89 9.12 8.38 11.29
N ILE A 90 8.85 7.13 10.93
CA ILE A 90 9.88 6.25 10.42
C ILE A 90 10.36 6.57 9.02
N GLY A 91 9.73 7.52 8.35
CA GLY A 91 10.08 7.92 7.00
C GLY A 91 9.35 7.22 5.86
N ARG A 92 8.10 6.86 6.06
CA ARG A 92 7.22 6.31 5.05
C ARG A 92 7.21 7.22 3.81
N ILE A 93 7.02 8.51 4.05
CA ILE A 93 6.93 9.45 2.94
C ILE A 93 8.35 9.77 2.40
N THR A 94 9.29 9.94 3.31
CA THR A 94 10.72 10.11 2.93
C THR A 94 11.17 9.01 2.00
N LYS A 95 10.82 7.77 2.33
CA LYS A 95 11.30 6.66 1.52
C LYS A 95 10.70 6.64 0.12
N ARG A 96 9.36 6.73 0.04
CA ARG A 96 8.70 6.40 -1.20
C ARG A 96 8.40 7.60 -2.08
N LEU A 97 8.24 8.78 -1.49
CA LEU A 97 7.95 10.00 -2.24
C LEU A 97 9.16 10.91 -2.39
N LEU A 98 9.80 11.24 -1.28
CA LEU A 98 10.78 12.36 -1.29
C LEU A 98 12.21 11.97 -1.73
N LEU A 99 12.78 10.93 -1.15
CA LEU A 99 14.13 10.49 -1.55
C LEU A 99 14.31 10.27 -3.04
N PRO A 100 13.27 9.71 -3.71
CA PRO A 100 13.42 9.54 -5.14
C PRO A 100 13.52 10.81 -5.95
N LEU A 101 13.01 11.90 -5.43
CA LEU A 101 12.84 13.15 -6.13
C LEU A 101 13.82 14.24 -5.70
N PHE A 102 14.34 14.16 -4.48
CA PHE A 102 15.19 15.21 -3.90
C PHE A 102 16.55 14.70 -3.57
N ARG A 103 17.57 15.51 -3.85
CA ARG A 103 18.94 15.05 -3.65
CA ARG A 103 18.94 15.05 -3.66
C ARG A 103 19.20 14.68 -2.19
N GLU A 104 18.68 15.51 -1.28
CA GLU A 104 18.78 15.25 0.16
C GLU A 104 17.44 15.49 0.80
N VAL A 105 17.21 14.88 1.95
CA VAL A 105 16.00 15.11 2.73
C VAL A 105 16.37 15.25 4.19
N ASP A 106 15.72 16.16 4.89
CA ASP A 106 15.83 16.25 6.32
C ASP A 106 14.53 15.74 6.91
N MET A 107 14.58 15.07 8.06
CA MET A 107 13.39 14.60 8.77
C MET A 107 13.32 15.29 10.13
N VAL A 108 12.09 15.59 10.58
CA VAL A 108 11.88 16.08 11.94
C VAL A 108 10.71 15.33 12.53
N ASP A 109 10.91 14.88 13.77
CA ASP A 109 9.83 14.18 14.46
C ASP A 109 10.09 14.22 15.94
N ILE A 110 9.02 14.20 16.72
CA ILE A 110 9.19 14.20 18.16
C ILE A 110 9.61 12.86 18.79
N THR A 111 9.43 11.78 18.05
CA THR A 111 9.57 10.45 18.64
C THR A 111 10.90 9.82 18.28
N GLU A 112 11.84 9.80 19.23
CA GLU A 112 13.21 9.35 18.95
CA GLU A 112 13.20 9.39 18.89
C GLU A 112 13.21 7.95 18.35
N ASP A 113 12.39 7.08 18.91
CA ASP A 113 12.38 5.67 18.44
C ASP A 113 12.03 5.51 16.97
N PHE A 114 11.21 6.42 16.44
CA PHE A 114 10.86 6.39 15.00
C PHE A 114 12.06 6.80 14.12
N LEU A 115 12.80 7.85 14.55
CA LEU A 115 13.97 8.30 13.81
C LEU A 115 15.07 7.22 13.85
N VAL A 116 15.20 6.52 14.95
CA VAL A 116 16.15 5.37 15.01
C VAL A 116 15.70 4.28 14.02
N GLN A 117 14.40 3.92 14.06
CA GLN A 117 13.89 2.93 13.12
C GLN A 117 14.09 3.33 11.66
N ALA A 118 13.91 4.64 11.38
CA ALA A 118 14.11 5.18 10.03
C ALA A 118 15.44 4.76 9.43
N LYS A 119 16.48 4.70 10.24
CA LYS A 119 17.78 4.39 9.68
C LYS A 119 17.75 2.96 9.05
N THR A 120 16.99 2.06 9.66
CA THR A 120 16.80 0.74 9.10
C THR A 120 15.78 0.76 7.94
N TYR A 121 14.62 1.33 8.20
CA TYR A 121 13.51 1.39 7.23
C TYR A 121 13.93 1.98 5.88
N LEU A 122 14.75 3.03 5.94
CA LEU A 122 15.14 3.73 4.71
C LEU A 122 16.19 3.01 3.89
N GLY A 123 16.92 2.08 4.50
CA GLY A 123 17.94 1.32 3.76
C GLY A 123 19.03 2.22 3.18
N GLU A 124 19.58 1.80 2.04
CA GLU A 124 20.73 2.45 1.44
C GLU A 124 20.43 3.90 0.99
N GLU A 125 19.24 4.10 0.46
CA GLU A 125 18.81 5.44 0.02
C GLU A 125 18.76 6.39 1.21
N GLY A 126 18.55 5.86 2.40
CA GLY A 126 18.55 6.64 3.62
C GLY A 126 19.87 7.34 3.93
N LYS A 127 20.93 6.94 3.21
CA LYS A 127 22.22 7.62 3.35
C LYS A 127 22.11 9.09 2.85
N ARG A 128 21.06 9.39 2.06
CA ARG A 128 20.83 10.79 1.62
C ARG A 128 19.93 11.60 2.55
N VAL A 129 19.48 11.00 3.65
CA VAL A 129 18.86 11.81 4.72
C VAL A 129 20.00 12.52 5.41
N ARG A 130 19.90 13.83 5.51
CA ARG A 130 20.98 14.62 6.01
C ARG A 130 20.78 14.75 7.55
N ASN A 131 19.83 15.57 7.96
CA ASN A 131 19.57 15.83 9.36
C ASN A 131 18.34 15.02 9.82
N TYR A 132 18.53 14.32 10.93
CA TYR A 132 17.42 13.71 11.66
C TYR A 132 17.21 14.56 12.93
N PHE A 133 16.18 15.38 12.91
CA PHE A 133 15.91 16.30 14.00
C PHE A 133 14.88 15.68 14.91
N CYS A 134 15.25 15.47 16.18
CA CYS A 134 14.28 14.94 17.14
C CYS A 134 13.76 16.10 18.01
N CYS A 135 12.60 16.59 17.65
N CYS A 135 12.61 16.65 17.67
CA CYS A 135 12.07 17.82 18.22
CA CYS A 135 11.96 17.61 18.56
C CYS A 135 10.58 17.93 17.91
C CYS A 135 10.59 17.85 18.00
N GLY A 136 9.81 18.58 18.79
CA GLY A 136 8.47 18.92 18.39
C GLY A 136 8.48 20.05 17.38
N LEU A 137 7.51 20.05 16.47
CA LEU A 137 7.43 21.12 15.45
C LEU A 137 7.32 22.48 16.13
N GLN A 138 6.61 22.48 17.25
CA GLN A 138 6.41 23.74 18.01
C GLN A 138 7.70 24.33 18.54
N ASP A 139 8.77 23.54 18.62
CA ASP A 139 10.09 23.96 19.06
C ASP A 139 11.15 23.98 17.94
N PHE A 140 10.73 23.76 16.70
CA PHE A 140 11.67 23.60 15.58
C PHE A 140 11.69 24.86 14.70
N THR A 141 12.89 25.36 14.45
CA THR A 141 13.09 26.50 13.52
C THR A 141 13.97 26.04 12.34
N PRO A 142 13.35 25.69 11.21
CA PRO A 142 14.17 25.26 10.05
C PRO A 142 15.06 26.37 9.58
N GLU A 143 16.24 25.93 9.09
CA GLU A 143 17.24 26.87 8.60
C GLU A 143 16.68 27.75 7.45
N PRO A 144 16.92 29.06 7.51
CA PRO A 144 16.47 29.89 6.40
C PRO A 144 16.98 29.43 5.07
N ASP A 145 16.17 29.61 4.01
CA ASP A 145 16.63 29.43 2.64
C ASP A 145 17.26 28.04 2.41
N SER A 146 16.57 27.02 2.88
CA SER A 146 17.13 25.66 2.87
C SER A 146 16.33 24.62 2.11
N TYR A 147 15.03 24.76 1.99
CA TYR A 147 14.21 23.66 1.48
C TYR A 147 13.40 24.10 0.24
N ASP A 148 13.41 23.23 -0.74
CA ASP A 148 12.52 23.35 -1.89
C ASP A 148 11.09 22.94 -1.59
N VAL A 149 10.93 21.88 -0.82
CA VAL A 149 9.64 21.39 -0.41
C VAL A 149 9.65 21.07 1.07
N ILE A 150 8.65 21.60 1.78
CA ILE A 150 8.44 21.27 3.18
C ILE A 150 7.14 20.51 3.22
N TRP A 151 7.21 19.24 3.60
CA TRP A 151 6.09 18.30 3.53
C TRP A 151 5.57 18.05 4.95
N ILE A 152 4.33 18.42 5.19
CA ILE A 152 3.73 18.29 6.54
C ILE A 152 2.49 17.42 6.46
N GLN A 153 2.60 16.14 6.86
CA GLN A 153 1.49 15.20 6.66
C GLN A 153 1.11 14.45 7.93
N TRP A 154 -0.18 14.49 8.26
CA TRP A 154 -0.73 13.78 9.36
C TRP A 154 -0.05 14.15 10.68
N VAL A 155 0.14 15.45 10.84
CA VAL A 155 0.73 15.95 12.09
C VAL A 155 0.18 17.32 12.49
N ILE A 156 -0.48 18.08 11.60
CA ILE A 156 -0.87 19.41 12.04
C ILE A 156 -1.89 19.39 13.18
N GLY A 157 -2.64 18.30 13.33
CA GLY A 157 -3.60 18.20 14.40
C GLY A 157 -2.92 18.09 15.78
N HIS A 158 -1.63 17.91 15.80
CA HIS A 158 -0.88 17.87 17.05
C HIS A 158 -0.38 19.22 17.54
N LEU A 159 -0.62 20.28 16.78
CA LEU A 159 -0.22 21.60 17.21
C LEU A 159 -1.45 22.45 17.50
N THR A 160 -1.32 23.34 18.47
CA THR A 160 -2.38 24.35 18.73
C THR A 160 -2.45 25.30 17.53
N ASP A 161 -3.52 26.08 17.41
CA ASP A 161 -3.62 27.02 16.30
C ASP A 161 -2.47 28.03 16.35
N GLN A 162 -2.14 28.49 17.54
CA GLN A 162 -1.04 29.50 17.61
C GLN A 162 0.27 28.85 17.16
N HIS A 163 0.54 27.63 17.65
CA HIS A 163 1.82 27.00 17.32
C HIS A 163 1.86 26.57 15.85
N LEU A 164 0.72 26.19 15.30
CA LEU A 164 0.66 25.83 13.89
C LEU A 164 0.93 27.09 13.00
N ALA A 165 0.28 28.17 13.33
CA ALA A 165 0.50 29.43 12.57
C ALA A 165 1.97 29.83 12.67
N GLU A 166 2.53 29.78 13.87
CA GLU A 166 3.95 30.14 14.03
C GLU A 166 4.91 29.18 13.27
N PHE A 167 4.63 27.90 13.34
CA PHE A 167 5.47 26.90 12.64
C PHE A 167 5.43 27.19 11.12
N LEU A 168 4.26 27.46 10.59
CA LEU A 168 4.11 27.79 9.15
C LEU A 168 4.90 29.06 8.80
N ARG A 169 4.88 30.09 9.67
CA ARG A 169 5.68 31.28 9.42
C ARG A 169 7.20 30.93 9.33
N ARG A 170 7.65 30.11 10.27
CA ARG A 170 9.02 29.66 10.27
C ARG A 170 9.38 28.87 9.03
N CYS A 171 8.48 28.00 8.62
CA CYS A 171 8.60 27.25 7.37
C CYS A 171 8.72 28.16 6.18
N LYS A 172 7.90 29.19 6.11
CA LYS A 172 7.97 30.14 5.00
C LYS A 172 9.37 30.73 4.86
N GLY A 173 9.97 31.10 6.01
CA GLY A 173 11.29 31.65 6.07
C GLY A 173 12.40 30.68 5.66
N SER A 174 12.11 29.40 5.61
CA SER A 174 13.11 28.37 5.30
C SER A 174 13.03 27.95 3.81
N LEU A 175 12.03 28.43 3.06
CA LEU A 175 11.90 28.02 1.63
C LEU A 175 12.94 28.68 0.76
N ARG A 176 13.51 27.87 -0.14
CA ARG A 176 14.32 28.36 -1.26
C ARG A 176 13.42 29.11 -2.26
N PRO A 177 14.01 29.88 -3.16
CA PRO A 177 13.20 30.47 -4.24
C PRO A 177 12.42 29.38 -4.94
N ASN A 178 11.15 29.72 -5.17
CA ASN A 178 10.17 28.81 -5.81
C ASN A 178 9.77 27.65 -4.92
N GLY A 179 10.18 27.63 -3.66
CA GLY A 179 9.81 26.57 -2.78
C GLY A 179 8.34 26.57 -2.37
N ILE A 180 7.86 25.44 -1.94
CA ILE A 180 6.49 25.28 -1.47
C ILE A 180 6.43 24.51 -0.18
N ILE A 181 5.34 24.78 0.57
CA ILE A 181 4.93 23.98 1.70
C ILE A 181 3.73 23.15 1.28
N VAL A 182 3.72 21.88 1.66
CA VAL A 182 2.56 21.02 1.40
C VAL A 182 2.05 20.53 2.75
N ILE A 183 0.76 20.75 3.00
CA ILE A 183 0.08 20.17 4.09
C ILE A 183 -0.86 19.11 3.52
N LYS A 184 -0.84 17.92 4.12
CA LYS A 184 -1.80 16.86 3.76
C LYS A 184 -2.28 16.26 5.08
N ASP A 185 -3.60 16.30 5.29
CA ASP A 185 -4.08 15.90 6.63
C ASP A 185 -5.55 15.64 6.60
N ASN A 186 -6.03 15.09 7.71
CA ASN A 186 -7.42 14.89 7.99
C ASN A 186 -8.12 16.25 8.15
N MET A 187 -9.30 16.34 7.60
CA MET A 187 -10.16 17.52 7.70
C MET A 187 -11.50 17.10 8.27
N ALA A 188 -12.08 17.90 9.19
CA ALA A 188 -13.38 17.71 9.75
C ALA A 188 -14.41 18.32 8.83
N GLN A 189 -15.61 17.74 8.79
CA GLN A 189 -16.70 18.31 8.04
C GLN A 189 -16.99 19.75 8.58
N GLU A 190 -16.95 19.94 9.91
CA GLU A 190 -17.32 21.23 10.48
C GLU A 190 -16.65 21.35 11.85
N GLY A 191 -15.99 22.46 12.06
CA GLY A 191 -15.43 22.82 13.38
C GLY A 191 -14.08 22.27 13.69
N VAL A 192 -13.86 22.06 14.99
CA VAL A 192 -12.51 21.62 15.51
C VAL A 192 -12.82 20.54 16.50
N ILE A 193 -12.37 19.32 16.21
CA ILE A 193 -12.79 18.15 16.97
C ILE A 193 -11.59 17.56 17.66
N LEU A 194 -11.67 17.41 19.00
CA LEU A 194 -10.62 16.80 19.81
C LEU A 194 -10.70 15.26 19.83
N ASP A 195 -9.58 14.63 19.53
CA ASP A 195 -9.37 13.22 19.81
C ASP A 195 -8.51 13.11 21.11
N ASP A 196 -9.16 12.73 22.21
CA ASP A 196 -8.46 12.76 23.51
C ASP A 196 -7.63 11.49 23.82
N VAL A 197 -7.65 10.55 22.91
CA VAL A 197 -6.87 9.34 23.02
C VAL A 197 -5.48 9.57 22.43
N ASP A 198 -5.37 10.05 21.19
CA ASP A 198 -4.04 10.39 20.66
C ASP A 198 -3.60 11.85 20.94
N SER A 199 -4.54 12.62 21.48
CA SER A 199 -4.30 14.02 21.85
C SER A 199 -3.96 14.84 20.62
N SER A 200 -4.96 15.03 19.79
CA SER A 200 -4.83 15.75 18.49
C SER A 200 -6.20 16.37 18.18
N VAL A 201 -6.22 17.32 17.24
CA VAL A 201 -7.46 17.82 16.75
C VAL A 201 -7.58 17.64 15.22
N CYS A 202 -8.80 17.65 14.74
CA CYS A 202 -9.16 17.59 13.34
C CYS A 202 -9.91 18.92 13.10
N ARG A 203 -9.52 19.73 12.12
CA ARG A 203 -10.11 21.05 11.85
C ARG A 203 -10.78 21.05 10.49
N ASP A 204 -11.86 21.80 10.37
CA ASP A 204 -12.52 21.95 9.07
C ASP A 204 -11.68 22.76 8.06
N LEU A 205 -12.09 22.70 6.78
CA LEU A 205 -11.31 23.40 5.74
C LEU A 205 -11.21 24.93 6.01
N ASP A 206 -12.29 25.53 6.46
CA ASP A 206 -12.31 26.99 6.73
C ASP A 206 -11.31 27.37 7.83
N VAL A 207 -11.22 26.51 8.85
CA VAL A 207 -10.24 26.73 9.94
C VAL A 207 -8.81 26.63 9.43
N VAL A 208 -8.52 25.58 8.64
CA VAL A 208 -7.18 25.39 8.17
C VAL A 208 -6.82 26.57 7.23
N ARG A 209 -7.71 26.93 6.33
CA ARG A 209 -7.42 28.06 5.44
C ARG A 209 -7.16 29.37 6.22
N ARG A 210 -7.90 29.56 7.32
CA ARG A 210 -7.71 30.73 8.15
C ARG A 210 -6.31 30.75 8.73
N ILE A 211 -5.87 29.59 9.21
CA ILE A 211 -4.57 29.49 9.80
C ILE A 211 -3.45 29.75 8.75
N ILE A 212 -3.63 29.17 7.57
CA ILE A 212 -2.68 29.37 6.51
C ILE A 212 -2.57 30.85 6.14
N CYS A 213 -3.71 31.53 6.02
CA CYS A 213 -3.74 32.96 5.74
C CYS A 213 -3.02 33.76 6.86
N SER A 214 -3.27 33.39 8.10
CA SER A 214 -2.64 34.13 9.22
CA SER A 214 -2.65 34.06 9.27
C SER A 214 -1.14 33.96 9.23
N ALA A 215 -0.64 32.87 8.66
CA ALA A 215 0.83 32.66 8.54
C ALA A 215 1.45 33.40 7.40
N GLY A 216 0.67 34.16 6.63
CA GLY A 216 1.23 34.94 5.51
C GLY A 216 1.48 34.07 4.29
N LEU A 217 0.72 32.97 4.18
CA LEU A 217 0.81 32.07 3.05
C LEU A 217 -0.45 32.10 2.18
N SER A 218 -0.29 31.63 0.94
CA SER A 218 -1.34 31.61 -0.05
C SER A 218 -1.45 30.22 -0.62
N LEU A 219 -2.64 29.88 -1.07
CA LEU A 219 -2.84 28.55 -1.69
CA LEU A 219 -2.85 28.57 -1.68
C LEU A 219 -2.47 28.58 -3.15
N LEU A 220 -1.65 27.61 -3.55
CA LEU A 220 -1.42 27.30 -4.94
C LEU A 220 -2.40 26.24 -5.48
N ALA A 221 -2.77 25.31 -4.64
CA ALA A 221 -3.66 24.25 -5.05
C ALA A 221 -4.20 23.54 -3.81
N GLU A 222 -5.37 22.91 -3.96
CA GLU A 222 -6.02 22.18 -2.86
C GLU A 222 -6.70 20.98 -3.51
N GLU A 223 -6.57 19.79 -2.95
CA GLU A 223 -7.14 18.61 -3.59
C GLU A 223 -7.56 17.63 -2.53
N ARG A 224 -8.76 17.07 -2.70
CA ARG A 224 -9.24 15.99 -1.87
C ARG A 224 -8.59 14.66 -2.27
N GLN A 225 -8.16 13.88 -1.29
CA GLN A 225 -7.63 12.51 -1.53
C GLN A 225 -8.78 11.58 -1.87
N GLU A 226 -8.67 10.93 -3.01
CA GLU A 226 -9.64 9.94 -3.46
C GLU A 226 -9.27 8.49 -3.00
N ASN A 227 -10.25 7.59 -3.14
CA ASN A 227 -10.07 6.17 -2.95
C ASN A 227 -9.72 5.75 -1.54
N LEU A 228 -10.13 6.56 -0.58
CA LEU A 228 -10.01 6.20 0.83
C LEU A 228 -11.22 5.43 1.36
N PRO A 229 -11.02 4.65 2.45
CA PRO A 229 -12.13 3.98 3.13
C PRO A 229 -13.21 5.00 3.50
N ASP A 230 -14.47 4.62 3.35
CA ASP A 230 -15.59 5.52 3.61
CA ASP A 230 -15.60 5.54 3.60
C ASP A 230 -15.69 6.03 5.06
N GLU A 231 -15.17 5.26 6.00
CA GLU A 231 -15.40 5.58 7.39
C GLU A 231 -14.45 6.59 8.01
N ILE A 232 -13.38 6.97 7.31
CA ILE A 232 -12.38 7.85 7.88
C ILE A 232 -12.59 9.31 7.48
N TYR A 233 -11.98 10.20 8.26
CA TYR A 233 -12.08 11.62 7.92
C TYR A 233 -11.57 11.85 6.51
N HIS A 234 -12.18 12.80 5.83
CA HIS A 234 -11.66 13.20 4.52
C HIS A 234 -10.25 13.78 4.66
N VAL A 235 -9.43 13.60 3.61
CA VAL A 235 -8.05 14.05 3.68
C VAL A 235 -7.83 15.00 2.50
N TYR A 236 -7.15 16.11 2.77
CA TYR A 236 -6.89 17.08 1.69
C TYR A 236 -5.43 17.45 1.68
N SER A 237 -4.97 17.84 0.50
CA SER A 237 -3.60 18.36 0.32
C SER A 237 -3.72 19.84 -0.08
N PHE A 238 -2.79 20.64 0.43
CA PHE A 238 -2.73 22.06 0.12
C PHE A 238 -1.25 22.33 -0.23
N ALA A 239 -1.02 23.03 -1.33
CA ALA A 239 0.32 23.51 -1.68
C ALA A 239 0.32 25.01 -1.45
N LEU A 240 1.33 25.49 -0.74
CA LEU A 240 1.35 26.85 -0.25
C LEU A 240 2.67 27.55 -0.57
N ARG A 241 2.63 28.88 -0.73
CA ARG A 241 3.85 29.73 -0.70
C ARG A 241 3.56 31.08 -0.16
CA PRO B 16 -19.70 -3.94 -19.62
C PRO B 16 -18.78 -4.54 -20.71
N ARG B 17 -17.49 -4.20 -20.69
CA ARG B 17 -16.52 -4.64 -21.73
C ARG B 17 -16.09 -6.09 -21.56
N GLY B 18 -15.73 -6.77 -22.65
CA GLY B 18 -15.55 -8.25 -22.65
C GLY B 18 -14.15 -8.86 -22.53
N SER B 19 -13.11 -8.02 -22.50
CA SER B 19 -11.73 -8.49 -22.52
C SER B 19 -10.78 -7.42 -22.09
N THR B 20 -9.54 -7.80 -21.76
CA THR B 20 -8.55 -6.80 -21.28
C THR B 20 -8.17 -5.83 -22.38
N SER B 21 -8.18 -6.29 -23.61
CA SER B 21 -7.69 -5.46 -24.69
C SER B 21 -8.68 -4.31 -24.97
N GLU B 22 -9.92 -4.47 -24.51
CA GLU B 22 -10.94 -3.44 -24.54
C GLU B 22 -10.86 -2.41 -23.40
N VAL B 23 -10.37 -2.80 -22.22
CA VAL B 23 -10.30 -1.88 -21.08
C VAL B 23 -8.90 -1.31 -20.79
N ILE B 24 -7.85 -1.98 -21.27
CA ILE B 24 -6.48 -1.50 -21.10
C ILE B 24 -6.13 -0.58 -22.28
N GLU B 25 -6.00 0.69 -21.98
CA GLU B 25 -5.60 1.70 -22.96
C GLU B 25 -4.11 1.55 -23.37
N ASP B 26 -3.24 1.14 -22.45
CA ASP B 26 -1.77 1.17 -22.63
C ASP B 26 -1.15 0.06 -21.79
N GLU B 27 -0.71 -0.99 -22.47
CA GLU B 27 -0.24 -2.16 -21.76
C GLU B 27 1.04 -1.93 -20.94
N LYS B 28 2.01 -1.23 -21.53
CA LYS B 28 3.24 -0.90 -20.79
C LYS B 28 2.88 -0.24 -19.43
N GLN B 29 1.95 0.71 -19.46
CA GLN B 29 1.55 1.43 -18.24
C GLN B 29 0.73 0.56 -17.32
N PHE B 30 -0.10 -0.32 -17.87
CA PHE B 30 -0.83 -1.28 -17.04
C PHE B 30 0.14 -2.06 -16.15
N TYR B 31 1.23 -2.55 -16.71
CA TYR B 31 2.23 -3.24 -15.94
C TYR B 31 3.10 -2.35 -15.07
N SER B 32 3.51 -1.19 -15.60
CA SER B 32 4.45 -0.35 -14.81
C SER B 32 3.73 0.24 -13.58
N LYS B 33 2.49 0.68 -13.77
CA LYS B 33 1.70 1.24 -12.64
C LYS B 33 1.51 0.19 -11.55
N ALA B 34 1.29 -1.06 -11.93
CA ALA B 34 1.02 -2.09 -10.94
C ALA B 34 2.29 -2.39 -10.16
N LYS B 35 3.44 -2.35 -10.83
CA LYS B 35 4.73 -2.64 -10.17
C LYS B 35 5.01 -1.53 -9.11
N THR B 36 4.77 -0.29 -9.50
CA THR B 36 4.85 0.83 -8.59
C THR B 36 3.88 0.70 -7.42
N TYR B 37 2.64 0.34 -7.74
CA TYR B 37 1.65 0.23 -6.69
C TYR B 37 2.14 -0.69 -5.57
N TRP B 38 2.56 -1.91 -5.95
CA TRP B 38 2.92 -2.90 -4.96
C TRP B 38 4.24 -2.61 -4.26
N LYS B 39 5.17 -1.93 -4.95
CA LYS B 39 6.43 -1.45 -4.30
C LYS B 39 6.15 -0.63 -3.06
N GLN B 40 5.03 0.07 -3.07
CA GLN B 40 4.66 0.98 -1.99
C GLN B 40 3.77 0.37 -0.93
N ILE B 41 3.45 -0.91 -1.01
CA ILE B 41 2.52 -1.58 -0.07
C ILE B 41 3.36 -2.18 1.07
N PRO B 42 2.95 -2.00 2.33
CA PRO B 42 3.71 -2.61 3.41
C PRO B 42 3.72 -4.12 3.32
N PRO B 43 4.87 -4.71 3.62
CA PRO B 43 5.01 -6.19 3.45
C PRO B 43 4.40 -6.93 4.61
N THR B 44 3.10 -6.86 4.71
CA THR B 44 2.34 -7.45 5.83
C THR B 44 1.18 -8.21 5.24
N VAL B 45 0.55 -9.08 6.04
CA VAL B 45 -0.65 -9.76 5.59
C VAL B 45 -1.76 -8.77 5.25
N ASP B 46 -1.91 -7.73 6.06
CA ASP B 46 -2.94 -6.73 5.76
C ASP B 46 -2.63 -5.96 4.46
N GLY B 47 -1.36 -5.80 4.13
CA GLY B 47 -0.97 -5.20 2.86
C GLY B 47 -1.30 -6.14 1.69
N MET B 48 -0.97 -7.42 1.86
CA MET B 48 -1.25 -8.45 0.82
C MET B 48 -2.77 -8.43 0.50
N LEU B 49 -3.59 -8.25 1.56
CA LEU B 49 -5.06 -8.42 1.43
C LEU B 49 -5.80 -7.11 1.40
N GLY B 50 -5.09 -5.98 1.16
CA GLY B 50 -5.80 -4.77 0.90
C GLY B 50 -6.75 -4.29 1.98
N GLY B 51 -6.33 -4.50 3.22
CA GLY B 51 -7.07 -4.11 4.40
C GLY B 51 -7.99 -5.19 4.91
N TYR B 52 -8.02 -6.32 4.22
CA TYR B 52 -8.83 -7.47 4.63
C TYR B 52 -7.98 -8.55 5.23
N GLY B 53 -6.90 -8.18 5.90
CA GLY B 53 -6.06 -9.19 6.56
C GLY B 53 -6.84 -10.12 7.48
N HIS B 54 -7.90 -9.62 8.10
CA HIS B 54 -8.75 -10.39 9.00
C HIS B 54 -9.47 -11.59 8.31
N ILE B 55 -9.54 -11.64 6.97
CA ILE B 55 -10.18 -12.82 6.31
C ILE B 55 -9.17 -13.93 6.00
N SER B 56 -7.91 -13.78 6.39
CA SER B 56 -6.85 -14.66 5.89
C SER B 56 -7.15 -16.07 6.33
N SER B 57 -7.58 -16.28 7.61
CA SER B 57 -7.83 -17.67 8.06
CA SER B 57 -7.81 -17.67 8.05
C SER B 57 -9.00 -18.29 7.32
N ILE B 58 -10.06 -17.53 7.07
CA ILE B 58 -11.22 -18.05 6.35
C ILE B 58 -10.76 -18.56 4.96
N ASP B 59 -9.98 -17.71 4.31
CA ASP B 59 -9.43 -18.01 2.98
C ASP B 59 -8.56 -19.27 3.02
N ILE B 60 -7.60 -19.30 3.94
CA ILE B 60 -6.63 -20.40 3.95
C ILE B 60 -7.31 -21.72 4.28
N ASN B 61 -8.20 -21.69 5.27
CA ASN B 61 -8.84 -22.95 5.69
C ASN B 61 -9.69 -23.53 4.57
N SER B 62 -10.32 -22.66 3.75
CA SER B 62 -11.10 -23.14 2.60
C SER B 62 -10.17 -23.66 1.53
N SER B 63 -9.08 -22.91 1.29
CA SER B 63 -8.08 -23.33 0.32
C SER B 63 -7.57 -24.74 0.65
N ARG B 64 -7.27 -24.96 1.92
CA ARG B 64 -6.70 -26.25 2.34
C ARG B 64 -7.70 -27.39 2.05
N LYS B 65 -8.98 -27.17 2.35
CA LYS B 65 -9.96 -28.20 2.13
C LYS B 65 -10.07 -28.52 0.64
N PHE B 66 -10.07 -27.46 -0.16
CA PHE B 66 -10.11 -27.58 -1.62
C PHE B 66 -8.97 -28.39 -2.16
N LEU B 67 -7.79 -28.13 -1.66
CA LEU B 67 -6.59 -28.76 -2.17
C LEU B 67 -6.42 -30.19 -1.64
N GLN B 68 -6.74 -30.41 -0.37
CA GLN B 68 -6.55 -31.76 0.23
C GLN B 68 -7.26 -32.86 -0.51
N ARG B 69 -8.40 -32.55 -1.15
CA ARG B 69 -9.10 -33.57 -1.90
CA ARG B 69 -9.10 -33.48 -2.01
C ARG B 69 -8.20 -34.13 -3.05
N PHE B 70 -7.41 -33.30 -3.70
CA PHE B 70 -6.51 -33.74 -4.77
C PHE B 70 -5.27 -34.44 -4.24
N LEU B 71 -4.83 -34.04 -3.05
CA LEU B 71 -3.59 -34.62 -2.49
C LEU B 71 -3.82 -35.98 -1.84
N ARG B 72 -5.08 -36.33 -1.49
CA ARG B 72 -5.37 -37.60 -0.77
C ARG B 72 -6.24 -38.63 -1.54
N GLU B 73 -6.86 -38.20 -2.64
CA GLU B 73 -7.78 -39.04 -3.38
C GLU B 73 -7.18 -39.50 -4.71
N GLY B 74 -7.13 -40.79 -4.89
CA GLY B 74 -6.76 -41.39 -6.16
C GLY B 74 -8.04 -41.71 -6.93
N PRO B 75 -7.92 -42.37 -8.07
N PRO B 75 -7.91 -42.42 -8.04
CA PRO B 75 -6.63 -42.66 -8.70
CA PRO B 75 -6.73 -43.18 -8.47
C PRO B 75 -6.00 -41.37 -9.19
C PRO B 75 -5.59 -42.35 -9.04
N ASN B 76 -4.73 -41.44 -9.57
N ASN B 76 -5.81 -41.05 -9.23
CA ASN B 76 -4.03 -40.27 -10.06
CA ASN B 76 -4.80 -40.24 -9.92
C ASN B 76 -4.06 -39.14 -9.02
C ASN B 76 -4.25 -39.13 -8.98
N LYS B 77 -3.75 -39.52 -7.79
CA LYS B 77 -3.56 -38.57 -6.70
C LYS B 77 -2.43 -37.60 -7.00
N THR B 78 -2.62 -36.35 -6.66
CA THR B 78 -1.56 -35.35 -6.75
C THR B 78 -0.48 -35.52 -5.69
N GLY B 79 0.78 -35.37 -6.09
CA GLY B 79 1.93 -35.47 -5.19
C GLY B 79 2.14 -34.29 -4.28
N THR B 80 3.12 -34.47 -3.38
CA THR B 80 3.41 -33.48 -2.36
C THR B 80 4.89 -33.12 -2.28
N SER B 81 5.65 -33.29 -3.37
N SER B 81 5.65 -33.25 -3.36
CA SER B 81 7.10 -33.01 -3.37
CA SER B 81 7.09 -32.97 -3.29
C SER B 81 7.36 -31.49 -3.42
C SER B 81 7.43 -31.49 -3.48
N CYS B 82 6.61 -30.76 -4.24
CA CYS B 82 6.97 -29.40 -4.60
C CYS B 82 5.80 -28.59 -5.09
N ALA B 83 5.67 -27.35 -4.61
CA ALA B 83 4.62 -26.44 -5.04
C ALA B 83 5.26 -25.11 -5.44
N LEU B 84 4.61 -24.41 -6.34
CA LEU B 84 5.01 -23.08 -6.76
C LEU B 84 3.91 -22.10 -6.34
N ASP B 85 4.27 -21.05 -5.63
CA ASP B 85 3.31 -20.05 -5.14
C ASP B 85 3.53 -18.81 -6.03
N CYS B 86 2.53 -18.50 -6.88
CA CYS B 86 2.67 -17.41 -7.91
C CYS B 86 2.01 -16.13 -7.41
N GLY B 87 2.73 -15.01 -7.58
CA GLY B 87 2.27 -13.81 -6.91
C GLY B 87 2.27 -13.96 -5.41
N ALA B 88 3.30 -14.60 -4.89
CA ALA B 88 3.35 -15.13 -3.49
C ALA B 88 3.41 -14.02 -2.47
N GLY B 89 3.86 -12.85 -2.87
CA GLY B 89 3.98 -11.78 -1.90
C GLY B 89 4.98 -12.15 -0.83
N ILE B 90 4.63 -11.85 0.42
CA ILE B 90 5.50 -12.19 1.59
C ILE B 90 5.37 -13.65 2.00
N GLY B 91 4.50 -14.39 1.34
CA GLY B 91 4.29 -15.80 1.69
C GLY B 91 3.20 -16.12 2.66
N ARG B 92 2.10 -15.35 2.63
CA ARG B 92 0.96 -15.66 3.46
C ARG B 92 0.47 -17.11 3.19
N ILE B 93 0.34 -17.45 1.92
CA ILE B 93 -0.13 -18.77 1.51
C ILE B 93 0.97 -19.80 1.67
N THR B 94 2.18 -19.44 1.30
CA THR B 94 3.32 -20.34 1.47
C THR B 94 3.45 -20.77 2.92
N LYS B 95 3.29 -19.84 3.86
CA LYS B 95 3.37 -20.19 5.26
C LYS B 95 2.32 -21.14 5.75
N ARG B 96 1.05 -20.79 5.53
CA ARG B 96 -0.02 -21.53 6.19
C ARG B 96 -0.65 -22.61 5.40
N LEU B 97 -0.54 -22.58 4.08
CA LEU B 97 -1.11 -23.57 3.21
C LEU B 97 -0.03 -24.53 2.67
N LEU B 98 1.00 -24.00 2.03
CA LEU B 98 1.83 -24.83 1.18
C LEU B 98 3.00 -25.50 1.89
N LEU B 99 3.76 -24.74 2.68
CA LEU B 99 4.90 -25.37 3.42
C LEU B 99 4.49 -26.59 4.27
N PRO B 100 3.31 -26.54 4.93
CA PRO B 100 2.98 -27.70 5.76
C PRO B 100 2.64 -28.95 4.91
N LEU B 101 2.30 -28.79 3.66
CA LEU B 101 1.85 -29.88 2.79
C LEU B 101 2.87 -30.37 1.74
N PHE B 102 3.84 -29.55 1.36
CA PHE B 102 4.78 -29.89 0.30
C PHE B 102 6.21 -29.88 0.89
N ARG B 103 7.02 -30.81 0.46
CA ARG B 103 8.39 -30.94 0.99
C ARG B 103 9.20 -29.68 0.69
N GLU B 104 9.02 -29.09 -0.51
CA GLU B 104 9.63 -27.85 -0.90
C GLU B 104 8.64 -26.96 -1.62
N VAL B 105 8.89 -25.64 -1.51
CA VAL B 105 8.11 -24.62 -2.15
C VAL B 105 9.00 -23.62 -2.84
N ASP B 106 8.60 -23.20 -4.05
CA ASP B 106 9.21 -22.08 -4.77
C ASP B 106 8.21 -20.93 -4.75
N MET B 107 8.72 -19.70 -4.64
CA MET B 107 7.90 -18.51 -4.68
C MET B 107 8.28 -17.68 -5.84
N VAL B 108 7.29 -17.09 -6.51
CA VAL B 108 7.55 -16.12 -7.57
C VAL B 108 6.71 -14.89 -7.35
N ASP B 109 7.35 -13.73 -7.37
CA ASP B 109 6.62 -12.48 -7.21
C ASP B 109 7.40 -11.35 -7.89
N ILE B 110 6.69 -10.34 -8.38
CA ILE B 110 7.36 -9.22 -9.04
C ILE B 110 8.07 -8.26 -8.06
N THR B 111 7.66 -8.25 -6.78
CA THR B 111 8.12 -7.29 -5.78
C THR B 111 9.26 -7.81 -4.91
N GLU B 112 10.49 -7.36 -5.19
CA GLU B 112 11.65 -7.86 -4.48
C GLU B 112 11.50 -7.77 -2.95
N ASP B 113 11.02 -6.62 -2.45
CA ASP B 113 10.93 -6.44 -1.00
C ASP B 113 10.02 -7.42 -0.30
N PHE B 114 9.04 -7.99 -1.03
CA PHE B 114 8.14 -8.93 -0.44
C PHE B 114 8.83 -10.26 -0.29
N LEU B 115 9.70 -10.60 -1.24
CA LEU B 115 10.45 -11.84 -1.14
C LEU B 115 11.52 -11.76 -0.08
N VAL B 116 12.13 -10.58 0.08
CA VAL B 116 13.02 -10.34 1.17
C VAL B 116 12.30 -10.49 2.50
N GLN B 117 11.15 -9.83 2.62
CA GLN B 117 10.38 -9.97 3.85
C GLN B 117 9.99 -11.46 4.13
N ALA B 118 9.68 -12.23 3.10
CA ALA B 118 9.31 -13.63 3.27
C ALA B 118 10.34 -14.43 4.05
N LYS B 119 11.61 -14.12 3.87
CA LYS B 119 12.65 -14.89 4.57
C LYS B 119 12.45 -14.76 6.09
N THR B 120 12.04 -13.57 6.52
CA THR B 120 11.72 -13.31 7.92
C THR B 120 10.35 -13.91 8.29
N TYR B 121 9.35 -13.57 7.52
CA TYR B 121 7.95 -13.92 7.80
C TYR B 121 7.76 -15.43 7.91
N LEU B 122 8.39 -16.17 7.01
CA LEU B 122 8.29 -17.64 7.00
C LEU B 122 9.05 -18.37 8.08
N GLY B 123 10.02 -17.72 8.71
CA GLY B 123 10.71 -18.30 9.83
C GLY B 123 11.44 -19.60 9.53
N GLU B 124 11.49 -20.49 10.50
CA GLU B 124 12.24 -21.74 10.32
C GLU B 124 11.72 -22.61 9.21
N GLU B 125 10.40 -22.71 9.05
CA GLU B 125 9.86 -23.55 8.01
C GLU B 125 10.21 -23.00 6.65
N GLY B 126 10.45 -21.69 6.56
CA GLY B 126 10.92 -21.04 5.34
C GLY B 126 12.24 -21.55 4.76
N LYS B 127 13.02 -22.27 5.54
CA LYS B 127 14.24 -22.90 5.04
C LYS B 127 13.94 -23.90 3.94
N ARG B 128 12.71 -24.38 3.85
CA ARG B 128 12.32 -25.28 2.79
C ARG B 128 11.81 -24.58 1.53
N VAL B 129 11.82 -23.25 1.52
CA VAL B 129 11.63 -22.55 0.28
C VAL B 129 12.88 -22.73 -0.54
N ARG B 130 12.73 -23.30 -1.73
CA ARG B 130 13.90 -23.72 -2.51
C ARG B 130 14.38 -22.56 -3.38
N ASN B 131 13.47 -21.92 -4.11
CA ASN B 131 13.79 -20.75 -4.96
C ASN B 131 12.85 -19.63 -4.68
N TYR B 132 13.38 -18.40 -4.55
CA TYR B 132 12.60 -17.18 -4.56
C TYR B 132 12.88 -16.52 -5.89
N PHE B 133 11.91 -16.40 -6.77
CA PHE B 133 12.12 -15.87 -8.11
C PHE B 133 11.49 -14.48 -8.10
N CYS B 134 12.27 -13.45 -8.36
CA CYS B 134 11.74 -12.09 -8.50
C CYS B 134 11.50 -11.84 -9.97
N CYS B 135 10.24 -11.91 -10.41
CA CYS B 135 9.89 -11.88 -11.85
C CYS B 135 8.42 -11.60 -11.98
N GLY B 136 8.02 -10.85 -13.01
CA GLY B 136 6.60 -10.76 -13.31
C GLY B 136 6.17 -12.10 -13.92
N LEU B 137 4.94 -12.55 -13.65
CA LEU B 137 4.53 -13.84 -14.22
C LEU B 137 4.56 -13.86 -15.77
N GLN B 138 4.23 -12.71 -16.35
CA GLN B 138 4.30 -12.46 -17.80
C GLN B 138 5.69 -12.72 -18.42
N ASP B 139 6.75 -12.68 -17.60
CA ASP B 139 8.11 -13.00 -18.02
C ASP B 139 8.67 -14.31 -17.45
N PHE B 140 7.84 -15.10 -16.77
CA PHE B 140 8.33 -16.22 -15.97
C PHE B 140 7.96 -17.55 -16.63
N THR B 141 8.95 -18.43 -16.73
CA THR B 141 8.79 -19.76 -17.27
C THR B 141 9.13 -20.74 -16.14
N PRO B 142 8.12 -21.35 -15.54
CA PRO B 142 8.43 -22.40 -14.57
C PRO B 142 9.10 -23.60 -15.24
N GLU B 143 10.04 -24.23 -14.55
CA GLU B 143 10.83 -25.30 -15.14
CA GLU B 143 10.83 -25.29 -15.14
C GLU B 143 9.96 -26.51 -15.46
N PRO B 144 10.20 -27.17 -16.62
CA PRO B 144 9.41 -28.40 -16.89
C PRO B 144 9.48 -29.45 -15.77
N ASP B 145 8.36 -30.16 -15.58
CA ASP B 145 8.32 -31.35 -14.73
C ASP B 145 8.78 -31.04 -13.30
N SER B 146 8.35 -29.91 -12.74
CA SER B 146 8.86 -29.45 -11.45
C SER B 146 7.87 -29.44 -10.29
N TYR B 147 6.59 -29.17 -10.58
CA TYR B 147 5.63 -28.89 -9.51
C TYR B 147 4.42 -29.80 -9.49
N ASP B 148 4.06 -30.28 -8.30
CA ASP B 148 2.83 -30.98 -8.10
C ASP B 148 1.66 -30.05 -8.07
N VAL B 149 1.84 -28.86 -7.49
CA VAL B 149 0.82 -27.84 -7.42
C VAL B 149 1.40 -26.50 -7.78
N ILE B 150 0.70 -25.76 -8.65
CA ILE B 150 1.01 -24.38 -8.92
C ILE B 150 -0.17 -23.56 -8.45
N TRP B 151 0.04 -22.72 -7.45
CA TRP B 151 -0.98 -21.98 -6.77
C TRP B 151 -0.90 -20.53 -7.23
N ILE B 152 -1.99 -20.00 -7.79
CA ILE B 152 -2.03 -18.65 -8.39
C ILE B 152 -3.20 -17.89 -7.76
N GLN B 153 -2.93 -17.04 -6.77
CA GLN B 153 -4.03 -16.47 -5.99
C GLN B 153 -3.88 -14.93 -5.92
N TRP B 154 -4.96 -14.24 -6.26
CA TRP B 154 -5.01 -12.76 -6.12
C TRP B 154 -3.88 -12.10 -6.90
N VAL B 155 -3.65 -12.63 -8.12
CA VAL B 155 -2.71 -11.99 -9.05
C VAL B 155 -3.12 -12.07 -10.51
N ILE B 156 -4.07 -12.96 -10.90
CA ILE B 156 -4.35 -13.09 -12.34
C ILE B 156 -4.85 -11.79 -12.95
N GLY B 157 -5.44 -10.92 -12.16
CA GLY B 157 -5.90 -9.62 -12.66
C GLY B 157 -4.79 -8.64 -13.05
N HIS B 158 -3.54 -9.01 -12.74
CA HIS B 158 -2.38 -8.23 -13.11
C HIS B 158 -1.78 -8.59 -14.44
N LEU B 159 -2.35 -9.62 -15.07
CA LEU B 159 -1.98 -10.00 -16.42
C LEU B 159 -3.05 -9.71 -17.44
N THR B 160 -2.61 -9.37 -18.64
CA THR B 160 -3.54 -9.27 -19.82
C THR B 160 -4.09 -10.64 -20.11
N ASP B 161 -5.22 -10.69 -20.82
CA ASP B 161 -5.78 -12.01 -21.22
C ASP B 161 -4.75 -12.88 -21.95
N GLN B 162 -4.08 -12.28 -22.94
CA GLN B 162 -3.05 -13.04 -23.68
C GLN B 162 -1.90 -13.50 -22.78
N HIS B 163 -1.41 -12.64 -21.93
CA HIS B 163 -0.33 -13.07 -21.02
C HIS B 163 -0.76 -14.10 -20.02
N LEU B 164 -2.00 -14.01 -19.56
CA LEU B 164 -2.52 -15.03 -18.64
C LEU B 164 -2.65 -16.41 -19.33
N ALA B 165 -3.20 -16.41 -20.53
CA ALA B 165 -3.32 -17.69 -21.30
C ALA B 165 -1.94 -18.26 -21.55
N GLU B 166 -0.97 -17.43 -21.94
CA GLU B 166 0.41 -17.87 -22.22
C GLU B 166 1.09 -18.39 -20.95
N PHE B 167 0.88 -17.65 -19.85
CA PHE B 167 1.46 -18.09 -18.60
C PHE B 167 0.88 -19.48 -18.15
N LEU B 168 -0.42 -19.62 -18.25
CA LEU B 168 -1.05 -20.87 -17.87
C LEU B 168 -0.53 -22.02 -18.73
N ARG B 169 -0.30 -21.80 -20.01
CA ARG B 169 0.21 -22.86 -20.86
CA ARG B 169 0.24 -22.83 -20.91
C ARG B 169 1.63 -23.22 -20.43
N ARG B 170 2.43 -22.22 -20.08
CA ARG B 170 3.77 -22.52 -19.54
C ARG B 170 3.67 -23.32 -18.25
N CYS B 171 2.72 -22.97 -17.39
CA CYS B 171 2.51 -23.70 -16.14
C CYS B 171 2.18 -25.17 -16.36
N LYS B 172 1.35 -25.43 -17.37
CA LYS B 172 0.93 -26.78 -17.67
C LYS B 172 2.14 -27.65 -17.93
N GLY B 173 3.11 -27.11 -18.70
CA GLY B 173 4.36 -27.79 -19.01
C GLY B 173 5.27 -28.07 -17.81
N SER B 174 5.07 -27.37 -16.72
CA SER B 174 5.91 -27.51 -15.53
C SER B 174 5.30 -28.46 -14.49
N LEU B 175 4.10 -28.95 -14.74
CA LEU B 175 3.47 -29.90 -13.82
C LEU B 175 4.15 -31.27 -13.87
N ARG B 176 4.35 -31.81 -12.68
CA ARG B 176 4.64 -33.24 -12.52
C ARG B 176 3.38 -34.11 -12.86
N PRO B 177 3.57 -35.43 -13.01
CA PRO B 177 2.36 -36.22 -13.30
C PRO B 177 1.34 -36.07 -12.20
N ASN B 178 0.09 -35.97 -12.62
CA ASN B 178 -1.07 -35.75 -11.73
C ASN B 178 -1.09 -34.39 -11.06
N GLY B 179 -0.17 -33.51 -11.44
CA GLY B 179 -0.10 -32.18 -10.87
C GLY B 179 -1.28 -31.34 -11.29
N ILE B 180 -1.55 -30.30 -10.53
CA ILE B 180 -2.62 -29.35 -10.85
C ILE B 180 -2.18 -27.91 -10.71
N ILE B 181 -2.92 -27.05 -11.42
CA ILE B 181 -2.84 -25.59 -11.24
C ILE B 181 -4.10 -25.18 -10.51
N VAL B 182 -3.97 -24.32 -9.50
CA VAL B 182 -5.15 -23.73 -8.86
C VAL B 182 -5.09 -22.22 -9.07
N ILE B 183 -6.19 -21.69 -9.58
CA ILE B 183 -6.41 -20.24 -9.60
C ILE B 183 -7.42 -19.91 -8.53
N LYS B 184 -7.13 -18.93 -7.70
CA LYS B 184 -8.13 -18.45 -6.74
C LYS B 184 -8.11 -16.92 -6.79
N ASP B 185 -9.23 -16.33 -7.13
CA ASP B 185 -9.20 -14.89 -7.36
C ASP B 185 -10.57 -14.27 -7.37
N ASN B 186 -10.56 -12.93 -7.43
CA ASN B 186 -11.75 -12.12 -7.55
C ASN B 186 -12.41 -12.38 -8.90
N MET B 187 -13.74 -12.43 -8.90
CA MET B 187 -14.53 -12.59 -10.11
C MET B 187 -15.55 -11.47 -10.25
N ALA B 188 -15.69 -10.91 -11.45
CA ALA B 188 -16.68 -9.88 -11.68
C ALA B 188 -18.03 -10.50 -11.98
N GLN B 189 -19.12 -9.80 -11.67
CA GLN B 189 -20.50 -10.26 -12.06
C GLN B 189 -20.57 -10.37 -13.57
N GLU B 190 -20.02 -9.41 -14.28
CA GLU B 190 -20.11 -9.42 -15.72
C GLU B 190 -19.00 -8.61 -16.41
N GLY B 191 -18.42 -9.20 -17.47
CA GLY B 191 -17.37 -8.55 -18.24
C GLY B 191 -16.02 -8.47 -17.54
N VAL B 192 -15.27 -7.44 -17.90
CA VAL B 192 -13.92 -7.24 -17.44
C VAL B 192 -13.85 -5.78 -16.97
N ILE B 193 -13.43 -5.58 -15.72
CA ILE B 193 -13.52 -4.28 -15.05
C ILE B 193 -12.11 -3.90 -14.62
N LEU B 194 -11.66 -2.72 -15.05
CA LEU B 194 -10.36 -2.18 -14.68
C LEU B 194 -10.49 -1.44 -13.32
N ASP B 195 -9.58 -1.79 -12.43
CA ASP B 195 -9.26 -1.00 -11.24
C ASP B 195 -8.02 -0.10 -11.50
N ASP B 196 -8.25 1.19 -11.68
CA ASP B 196 -7.16 2.13 -11.97
C ASP B 196 -6.33 2.50 -10.71
N VAL B 197 -6.79 2.10 -9.55
CA VAL B 197 -6.09 2.39 -8.35
C VAL B 197 -4.85 1.49 -8.21
N ASP B 198 -5.01 0.18 -8.40
CA ASP B 198 -3.88 -0.76 -8.36
C ASP B 198 -3.42 -1.34 -9.71
N SER B 199 -4.13 -0.96 -10.77
CA SER B 199 -3.71 -1.30 -12.15
C SER B 199 -3.89 -2.80 -12.34
N SER B 200 -5.12 -3.22 -12.11
CA SER B 200 -5.55 -4.63 -12.21
C SER B 200 -6.94 -4.70 -12.82
N VAL B 201 -7.29 -5.91 -13.32
CA VAL B 201 -8.64 -6.15 -13.77
C VAL B 201 -9.30 -7.27 -12.97
N CYS B 202 -10.63 -7.27 -13.00
N CYS B 202 -10.62 -7.31 -12.85
CA CYS B 202 -11.47 -8.35 -12.52
CA CYS B 202 -11.25 -8.61 -12.59
C CYS B 202 -12.28 -8.87 -13.70
C CYS B 202 -12.28 -8.90 -13.64
N ARG B 203 -12.42 -10.21 -13.82
CA ARG B 203 -13.12 -10.80 -14.95
C ARG B 203 -14.26 -11.68 -14.48
N ASP B 204 -15.28 -11.81 -15.31
CA ASP B 204 -16.38 -12.72 -14.98
C ASP B 204 -16.00 -14.17 -15.24
N LEU B 205 -16.84 -15.09 -14.76
CA LEU B 205 -16.54 -16.51 -14.80
C LEU B 205 -16.35 -17.01 -16.23
N ASP B 206 -17.19 -16.53 -17.15
CA ASP B 206 -17.13 -16.96 -18.55
C ASP B 206 -15.78 -16.60 -19.16
N VAL B 207 -15.29 -15.38 -18.87
CA VAL B 207 -14.04 -14.90 -19.45
C VAL B 207 -12.90 -15.77 -18.92
N VAL B 208 -12.90 -16.04 -17.61
CA VAL B 208 -11.83 -16.84 -17.01
C VAL B 208 -11.85 -18.25 -17.58
N ARG B 209 -13.02 -18.83 -17.67
CA ARG B 209 -13.13 -20.17 -18.26
C ARG B 209 -12.64 -20.22 -19.68
N ARG B 210 -12.95 -19.19 -20.48
CA ARG B 210 -12.48 -19.18 -21.86
CA ARG B 210 -12.46 -19.06 -21.86
C ARG B 210 -10.95 -19.09 -21.91
N ILE B 211 -10.34 -18.34 -21.00
CA ILE B 211 -8.90 -18.18 -20.95
C ILE B 211 -8.26 -19.52 -20.56
N ILE B 212 -8.89 -20.21 -19.62
CA ILE B 212 -8.41 -21.51 -19.19
C ILE B 212 -8.44 -22.47 -20.37
N CYS B 213 -9.54 -22.46 -21.09
CA CYS B 213 -9.69 -23.31 -22.25
C CYS B 213 -8.62 -23.00 -23.33
N SER B 214 -8.35 -21.73 -23.58
CA SER B 214 -7.34 -21.36 -24.58
C SER B 214 -5.93 -21.78 -24.20
N ALA B 215 -5.68 -21.94 -22.90
CA ALA B 215 -4.43 -22.48 -22.42
C ALA B 215 -4.27 -24.02 -22.55
N GLY B 216 -5.32 -24.72 -23.01
CA GLY B 216 -5.30 -26.19 -23.16
C GLY B 216 -5.44 -26.90 -21.83
N LEU B 217 -6.09 -26.23 -20.89
CA LEU B 217 -6.30 -26.78 -19.59
C LEU B 217 -7.71 -27.23 -19.46
N SER B 218 -7.91 -28.24 -18.61
CA SER B 218 -9.22 -28.76 -18.29
C SER B 218 -9.61 -28.39 -16.89
N LEU B 219 -10.88 -28.11 -16.72
CA LEU B 219 -11.42 -27.72 -15.40
C LEU B 219 -11.79 -28.94 -14.57
N LEU B 220 -11.08 -29.14 -13.45
CA LEU B 220 -11.32 -30.27 -12.57
C LEU B 220 -12.32 -29.97 -11.49
N ALA B 221 -12.33 -28.75 -10.99
CA ALA B 221 -13.27 -28.39 -9.93
C ALA B 221 -13.33 -26.87 -9.90
N GLU B 222 -14.47 -26.40 -9.47
CA GLU B 222 -14.69 -24.97 -9.31
C GLU B 222 -15.46 -24.81 -8.01
N GLU B 223 -15.09 -23.78 -7.23
CA GLU B 223 -15.75 -23.57 -5.95
C GLU B 223 -15.79 -22.11 -5.56
N ARG B 224 -16.95 -21.63 -5.14
CA ARG B 224 -17.05 -20.27 -4.62
C ARG B 224 -16.63 -20.20 -3.16
N GLN B 225 -15.83 -19.19 -2.82
CA GLN B 225 -15.42 -18.96 -1.44
C GLN B 225 -16.62 -18.46 -0.59
N GLU B 226 -16.87 -19.16 0.51
CA GLU B 226 -17.96 -18.84 1.43
C GLU B 226 -17.48 -17.86 2.51
N ASN B 227 -18.42 -17.25 3.21
CA ASN B 227 -18.16 -16.53 4.44
C ASN B 227 -17.32 -15.26 4.26
N LEU B 228 -17.44 -14.63 3.10
CA LEU B 228 -16.73 -13.37 2.85
C LEU B 228 -17.61 -12.19 3.15
N PRO B 229 -17.01 -11.04 3.43
CA PRO B 229 -17.77 -9.81 3.56
C PRO B 229 -18.65 -9.53 2.33
N ASP B 230 -19.85 -9.04 2.56
CA ASP B 230 -20.79 -8.83 1.44
C ASP B 230 -20.29 -7.81 0.42
N GLU B 231 -19.47 -6.84 0.84
CA GLU B 231 -19.14 -5.72 -0.05
C GLU B 231 -18.08 -6.02 -1.10
N ILE B 232 -17.39 -7.16 -0.97
CA ILE B 232 -16.26 -7.49 -1.87
C ILE B 232 -16.66 -8.36 -3.06
N TYR B 233 -15.86 -8.32 -4.12
CA TYR B 233 -16.06 -9.22 -5.26
C TYR B 233 -16.10 -10.66 -4.73
N HIS B 234 -16.97 -11.45 -5.35
CA HIS B 234 -16.97 -12.88 -5.10
C HIS B 234 -15.61 -13.48 -5.47
N VAL B 235 -15.23 -14.56 -4.77
CA VAL B 235 -13.96 -15.20 -4.97
C VAL B 235 -14.20 -16.66 -5.33
N TYR B 236 -13.53 -17.13 -6.40
CA TYR B 236 -13.67 -18.54 -6.84
C TYR B 236 -12.31 -19.21 -6.94
N SER B 237 -12.32 -20.52 -6.67
CA SER B 237 -11.18 -21.38 -6.89
C SER B 237 -11.48 -22.32 -8.07
N PHE B 238 -10.45 -22.56 -8.86
CA PHE B 238 -10.47 -23.41 -10.04
C PHE B 238 -9.26 -24.36 -9.96
N ALA B 239 -9.48 -25.66 -10.08
CA ALA B 239 -8.38 -26.66 -10.15
C ALA B 239 -8.31 -27.12 -11.57
N LEU B 240 -7.12 -27.17 -12.12
CA LEU B 240 -6.96 -27.33 -13.56
C LEU B 240 -5.79 -28.29 -13.82
N ARG B 241 -5.84 -28.97 -14.95
CA ARG B 241 -4.63 -29.59 -15.51
C ARG B 241 -4.74 -29.83 -17.00
N PRO C 1 -2.94 10.04 12.43
CA PRO C 1 -2.99 9.18 11.23
C PRO C 1 -4.35 9.32 10.59
N PRO C 2 -4.55 8.70 9.41
CA PRO C 2 -5.92 8.51 8.97
C PRO C 2 -6.70 7.81 10.08
N LYS C 3 -7.96 8.17 10.26
CA LYS C 3 -8.78 7.62 11.36
C LYS C 3 -10.28 7.70 11.15
N ARG C 4 -10.98 6.75 11.80
CA ARG C 4 -12.43 6.71 11.76
CA ARG C 4 -12.45 6.68 11.82
C ARG C 4 -13.04 8.01 12.32
N ILE C 5 -14.05 8.50 11.63
CA ILE C 5 -14.80 9.68 12.06
C ILE C 5 -15.45 9.32 13.39
N ALA C 6 -15.14 10.10 14.41
CA ALA C 6 -15.73 9.92 15.75
C ALA C 6 -17.22 10.24 15.73
N PRO D 1 -5.90 -7.85 -4.34
CA PRO D 1 -6.37 -8.41 -3.07
C PRO D 1 -7.87 -8.58 -3.15
N PRO D 2 -8.47 -9.24 -2.16
CA PRO D 2 -9.92 -9.04 -1.98
C PRO D 2 -10.20 -7.54 -1.96
N LYS D 3 -11.29 -7.13 -2.59
CA LYS D 3 -11.59 -5.69 -2.63
C LYS D 3 -13.07 -5.36 -2.81
N ARG D 4 -13.43 -4.14 -2.37
CA ARG D 4 -14.80 -3.64 -2.50
CA ARG D 4 -14.81 -3.69 -2.51
C ARG D 4 -15.21 -3.64 -3.97
N ILE D 5 -16.48 -3.99 -4.25
CA ILE D 5 -16.98 -3.95 -5.62
C ILE D 5 -17.13 -2.46 -5.95
N ALA D 6 -16.56 -2.05 -7.07
CA ALA D 6 -16.56 -0.65 -7.48
C ALA D 6 -17.99 -0.22 -7.84
#